data_2AWQ
#
_entry.id   2AWQ
#
_entity_poly.entity_id   1
_entity_poly.type   'polyribonucleotide'
_entity_poly.pdbx_seq_one_letter_code
;GGGGA(PSU)UGAAAAUCCCC
;
_entity_poly.pdbx_strand_id   A
#